data_1G7P
#
_entry.id   1G7P
#
_cell.length_a   136.090
_cell.length_b   88.344
_cell.length_c   45.659
_cell.angle_alpha   90.00
_cell.angle_beta   90.00
_cell.angle_gamma   90.00
#
_symmetry.space_group_name_H-M   'P 21 21 2'
#
loop_
_entity.id
_entity.type
_entity.pdbx_description
1 polymer 'H-2 CLASS I HISTOCOMPATIBILITY ANTIGEN, K-B ALPHA CHAIN'
2 polymer 'BETA-2 MICROGLOBULIN'
3 polymer 'ALPHA-GLUCOSIDASE P1'
4 branched 2-acetamido-2-deoxy-beta-D-glucopyranose-(1-4)-[alpha-L-fucopyranose-(1-6)]2-acetamido-2-deoxy-beta-D-glucopyranose
5 non-polymer 2-acetamido-2-deoxy-beta-D-glucopyranose
6 water water
#
loop_
_entity_poly.entity_id
_entity_poly.type
_entity_poly.pdbx_seq_one_letter_code
_entity_poly.pdbx_strand_id
1 'polypeptide(L)'
;GPHSLRYFVTAVSRPGLGEPRYMEVGYVDDTEFVRFDSDAENPRYEPRARWMEQEGPEYWERETQKAKGNEQSFRVDLRT
LLGYYNQSKGGSHTIQVISGCEVGSDGRLLRGYQQYAYDGCDYIALNEDLKTWTAADMAALITKHKWEQAGEAERLRAYL
EGTCVEWLRRYLKNGNATLLRTDSPKAHVTHHSRPEDKVTLRCWALGFYPADITLTWQLNGEELIQDMELVETRPAGDGT
FQKWASVVVPLGKEQYYTCHVYHQGLPEPLTLRW
;
A
2 'polypeptide(L)'
;IQKTPQIQVYSRHPPENGKPNILNCYVTQFHPPHIEIQMLKNGKKIPKVEMSDMSFSKDWSFYILAHTEFTPTETDTYAC
RVKHDSMAEPKTVYWDRDM
;
B
3 'polypeptide(L)' SRDHSRTPM P
#
# COMPACT_ATOMS: atom_id res chain seq x y z
N GLY A 1 14.93 -15.01 -4.89
CA GLY A 1 13.82 -14.57 -5.80
C GLY A 1 14.02 -13.12 -6.23
N PRO A 2 13.08 -12.57 -7.02
CA PRO A 2 13.16 -11.18 -7.50
C PRO A 2 12.87 -10.18 -6.40
N HIS A 3 13.33 -8.94 -6.61
CA HIS A 3 13.13 -7.86 -5.65
C HIS A 3 12.80 -6.58 -6.40
N SER A 4 12.14 -5.65 -5.72
CA SER A 4 11.77 -4.41 -6.38
C SER A 4 11.95 -3.17 -5.52
N LEU A 5 12.12 -2.04 -6.21
CA LEU A 5 12.24 -0.74 -5.56
C LEU A 5 11.10 0.06 -6.18
N ARG A 6 10.18 0.55 -5.36
CA ARG A 6 9.05 1.31 -5.87
C ARG A 6 8.81 2.58 -5.11
N TYR A 7 8.45 3.64 -5.83
CA TYR A 7 8.14 4.92 -5.21
C TYR A 7 6.73 5.30 -5.64
N PHE A 8 5.89 5.59 -4.64
CA PHE A 8 4.51 6.02 -4.87
C PHE A 8 4.50 7.51 -4.57
N VAL A 9 4.18 8.31 -5.57
CA VAL A 9 4.18 9.76 -5.43
C VAL A 9 2.78 10.34 -5.65
N THR A 10 2.38 11.28 -4.80
CA THR A 10 1.07 11.89 -4.91
C THR A 10 1.13 13.39 -4.70
N ALA A 11 0.44 14.14 -5.56
CA ALA A 11 0.36 15.59 -5.44
C ALA A 11 -1.12 15.92 -5.49
N VAL A 12 -1.63 16.59 -4.46
CA VAL A 12 -3.05 16.92 -4.40
C VAL A 12 -3.28 18.41 -4.17
N SER A 13 -3.93 19.08 -5.11
CA SER A 13 -4.18 20.50 -4.94
C SER A 13 -5.31 20.72 -3.95
N ARG A 14 -5.33 21.90 -3.35
CA ARG A 14 -6.37 22.26 -2.39
C ARG A 14 -6.61 23.76 -2.44
N PRO A 15 -7.33 24.21 -3.48
CA PRO A 15 -7.65 25.61 -3.69
C PRO A 15 -8.19 26.29 -2.43
N GLY A 16 -7.65 27.46 -2.12
CA GLY A 16 -8.08 28.20 -0.96
C GLY A 16 -7.43 27.77 0.33
N LEU A 17 -6.61 26.73 0.27
CA LEU A 17 -5.94 26.22 1.46
C LEU A 17 -4.42 26.16 1.31
N GLY A 18 -3.88 26.94 0.38
CA GLY A 18 -2.45 26.96 0.21
C GLY A 18 -1.93 26.05 -0.88
N GLU A 19 -0.66 25.67 -0.75
CA GLU A 19 0.00 24.81 -1.72
C GLU A 19 -0.50 23.37 -1.68
N PRO A 20 -0.30 22.64 -2.79
CA PRO A 20 -0.75 21.25 -2.86
C PRO A 20 -0.01 20.41 -1.82
N ARG A 21 -0.61 19.30 -1.40
CA ARG A 21 0.07 18.41 -0.47
C ARG A 21 0.89 17.50 -1.38
N TYR A 22 2.13 17.25 -1.01
CA TYR A 22 3.01 16.41 -1.80
C TYR A 22 3.58 15.30 -0.94
N MET A 23 3.47 14.07 -1.40
CA MET A 23 3.97 12.93 -0.65
C MET A 23 4.71 11.94 -1.51
N GLU A 24 5.77 11.37 -0.96
CA GLU A 24 6.55 10.32 -1.63
C GLU A 24 6.74 9.21 -0.61
N VAL A 25 6.47 7.97 -1.02
CA VAL A 25 6.67 6.82 -0.13
C VAL A 25 7.43 5.75 -0.93
N GLY A 26 8.54 5.30 -0.38
CA GLY A 26 9.35 4.29 -1.05
C GLY A 26 9.28 2.93 -0.38
N TYR A 27 9.34 1.88 -1.21
CA TYR A 27 9.30 0.51 -0.73
C TYR A 27 10.36 -0.35 -1.39
N VAL A 28 10.92 -1.27 -0.61
CA VAL A 28 11.83 -2.26 -1.17
C VAL A 28 10.96 -3.50 -0.90
N ASP A 29 10.57 -4.18 -1.98
CA ASP A 29 9.66 -5.31 -1.88
C ASP A 29 8.39 -4.84 -1.16
N ASP A 30 7.98 -5.55 -0.12
CA ASP A 30 6.76 -5.18 0.62
C ASP A 30 7.07 -4.38 1.89
N THR A 31 8.27 -3.82 1.98
CA THR A 31 8.68 -3.07 3.16
C THR A 31 8.85 -1.57 2.92
N GLU A 32 8.08 -0.74 3.63
CA GLU A 32 8.20 0.72 3.51
C GLU A 32 9.57 1.11 4.08
N PHE A 33 10.34 1.92 3.37
CA PHE A 33 11.66 2.28 3.89
C PHE A 33 12.01 3.76 3.95
N VAL A 34 11.32 4.60 3.18
CA VAL A 34 11.55 6.05 3.20
C VAL A 34 10.24 6.78 2.93
N ARG A 35 10.16 8.03 3.36
CA ARG A 35 8.97 8.83 3.16
C ARG A 35 9.24 10.32 3.23
N PHE A 36 8.46 11.08 2.46
CA PHE A 36 8.53 12.55 2.43
C PHE A 36 7.08 13.03 2.44
N ASP A 37 6.77 13.97 3.33
CA ASP A 37 5.41 14.54 3.41
C ASP A 37 5.53 16.05 3.57
N SER A 38 5.03 16.80 2.59
CA SER A 38 5.11 18.26 2.63
C SER A 38 4.34 18.92 3.77
N ASP A 39 3.41 18.19 4.37
CA ASP A 39 2.60 18.74 5.46
C ASP A 39 3.22 18.62 6.85
N ALA A 40 4.40 18.04 6.93
CA ALA A 40 5.08 17.90 8.22
C ALA A 40 5.92 19.15 8.42
N GLU A 41 6.03 19.62 9.67
CA GLU A 41 6.85 20.80 9.94
C GLU A 41 8.30 20.38 9.72
N ASN A 42 9.05 21.21 8.99
CA ASN A 42 10.44 20.90 8.69
C ASN A 42 10.44 19.67 7.79
N PRO A 43 9.71 19.71 6.67
CA PRO A 43 9.63 18.57 5.75
C PRO A 43 10.99 18.09 5.26
N ARG A 44 11.26 16.80 5.47
CA ARG A 44 12.51 16.20 5.04
C ARG A 44 12.28 14.72 4.75
N TYR A 45 13.19 14.13 3.99
CA TYR A 45 13.08 12.71 3.69
C TYR A 45 13.44 12.02 4.99
N GLU A 46 12.68 10.99 5.35
CA GLU A 46 12.92 10.28 6.59
C GLU A 46 12.95 8.77 6.42
N PRO A 47 13.74 8.09 7.27
CA PRO A 47 13.84 6.63 7.20
C PRO A 47 12.58 6.01 7.79
N ARG A 48 12.15 4.90 7.22
CA ARG A 48 10.96 4.20 7.70
C ARG A 48 11.30 2.76 8.08
N ALA A 49 12.54 2.37 7.79
CA ALA A 49 13.04 1.04 8.10
C ALA A 49 14.32 1.21 8.91
N ARG A 50 14.51 0.33 9.90
CA ARG A 50 15.68 0.40 10.77
C ARG A 50 17.01 0.37 10.05
N TRP A 51 17.13 -0.46 9.01
CA TRP A 51 18.38 -0.58 8.31
C TRP A 51 18.80 0.68 7.55
N MET A 52 17.89 1.64 7.38
CA MET A 52 18.27 2.86 6.68
C MET A 52 19.16 3.75 7.56
N GLU A 53 19.43 3.29 8.78
CA GLU A 53 20.31 4.03 9.69
C GLU A 53 21.73 3.93 9.14
N GLN A 54 21.93 3.04 8.18
CA GLN A 54 23.24 2.83 7.57
C GLN A 54 23.65 3.89 6.55
N GLU A 55 22.72 4.75 6.17
CA GLU A 55 23.05 5.82 5.23
C GLU A 55 23.59 7.00 6.03
N GLY A 56 24.50 7.77 5.43
CA GLY A 56 25.05 8.92 6.11
C GLY A 56 24.18 10.16 6.02
N PRO A 57 24.53 11.24 6.72
CA PRO A 57 23.71 12.45 6.65
C PRO A 57 23.57 13.02 5.24
N GLU A 58 24.58 12.79 4.40
CA GLU A 58 24.56 13.28 3.02
C GLU A 58 23.39 12.69 2.22
N TYR A 59 23.05 11.43 2.51
CA TYR A 59 21.95 10.77 1.81
C TYR A 59 20.64 11.52 2.06
N TRP A 60 20.37 11.81 3.33
CA TRP A 60 19.13 12.49 3.69
C TRP A 60 19.06 13.91 3.15
N GLU A 61 20.19 14.60 3.10
CA GLU A 61 20.22 15.96 2.59
C GLU A 61 19.90 15.95 1.10
N ARG A 62 20.56 15.06 0.36
CA ARG A 62 20.36 14.94 -1.07
C ARG A 62 18.94 14.51 -1.44
N GLU A 63 18.39 13.53 -0.72
CA GLU A 63 17.03 13.08 -1.01
C GLU A 63 16.00 14.16 -0.68
N THR A 64 16.26 14.93 0.38
CA THR A 64 15.35 16.01 0.76
C THR A 64 15.34 17.08 -0.32
N GLN A 65 16.52 17.44 -0.82
CA GLN A 65 16.59 18.46 -1.86
C GLN A 65 15.86 18.02 -3.12
N LYS A 66 16.03 16.75 -3.48
CA LYS A 66 15.38 16.21 -4.66
C LYS A 66 13.86 16.22 -4.48
N ALA A 67 13.41 15.85 -3.30
CA ALA A 67 11.98 15.82 -3.01
C ALA A 67 11.36 17.22 -3.13
N LYS A 68 12.06 18.23 -2.63
CA LYS A 68 11.57 19.60 -2.70
C LYS A 68 11.49 20.06 -4.16
N GLY A 69 12.46 19.63 -4.97
CA GLY A 69 12.46 19.99 -6.37
C GLY A 69 11.32 19.28 -7.09
N ASN A 70 11.11 18.01 -6.75
CA ASN A 70 10.03 17.26 -7.37
C ASN A 70 8.68 17.85 -6.97
N GLU A 71 8.56 18.26 -5.71
CA GLU A 71 7.32 18.87 -5.23
C GLU A 71 6.95 20.07 -6.10
N GLN A 72 7.93 20.92 -6.38
CA GLN A 72 7.68 22.09 -7.22
C GLN A 72 7.31 21.71 -8.65
N SER A 73 7.92 20.67 -9.19
CA SER A 73 7.61 20.24 -10.55
C SER A 73 6.16 19.79 -10.63
N PHE A 74 5.66 19.13 -9.59
CA PHE A 74 4.28 18.67 -9.59
C PHE A 74 3.28 19.80 -9.35
N ARG A 75 3.72 20.86 -8.68
CA ARG A 75 2.84 22.02 -8.46
C ARG A 75 2.54 22.62 -9.82
N VAL A 76 3.57 22.70 -10.66
CA VAL A 76 3.42 23.24 -12.00
C VAL A 76 2.55 22.31 -12.85
N ASP A 77 2.79 21.01 -12.75
CA ASP A 77 2.00 20.05 -13.52
C ASP A 77 0.51 20.15 -13.22
N LEU A 78 0.17 20.34 -11.95
CA LEU A 78 -1.24 20.47 -11.57
C LEU A 78 -1.87 21.66 -12.31
N ARG A 79 -1.14 22.77 -12.41
CA ARG A 79 -1.67 23.94 -13.12
C ARG A 79 -1.75 23.66 -14.62
N THR A 80 -0.73 23.01 -15.16
CA THR A 80 -0.71 22.69 -16.58
C THR A 80 -1.90 21.84 -17.00
N LEU A 81 -2.21 20.81 -16.21
CA LEU A 81 -3.33 19.93 -16.54
C LEU A 81 -4.69 20.62 -16.46
N LEU A 82 -4.81 21.65 -15.62
CA LEU A 82 -6.08 22.38 -15.54
C LEU A 82 -6.31 23.00 -16.92
N GLY A 83 -5.22 23.43 -17.55
CA GLY A 83 -5.29 24.03 -18.86
C GLY A 83 -5.62 23.00 -19.93
N TYR A 84 -4.93 21.87 -19.92
CA TYR A 84 -5.17 20.82 -20.91
C TYR A 84 -6.62 20.36 -20.88
N TYR A 85 -7.16 20.20 -19.68
CA TYR A 85 -8.53 19.72 -19.51
C TYR A 85 -9.58 20.81 -19.39
N ASN A 86 -9.15 22.07 -19.47
CA ASN A 86 -10.06 23.22 -19.38
C ASN A 86 -10.92 23.15 -18.12
N GLN A 87 -10.27 22.95 -16.98
CA GLN A 87 -10.97 22.85 -15.70
C GLN A 87 -10.78 24.12 -14.87
N SER A 88 -11.65 24.33 -13.89
CA SER A 88 -11.58 25.50 -13.03
C SER A 88 -10.45 25.39 -12.00
N LYS A 89 -10.09 26.53 -11.40
CA LYS A 89 -9.03 26.56 -10.40
C LYS A 89 -9.58 26.40 -8.99
N GLY A 90 -10.88 26.16 -8.87
CA GLY A 90 -11.48 26.01 -7.56
C GLY A 90 -11.63 24.59 -7.07
N GLY A 91 -11.36 23.62 -7.92
CA GLY A 91 -11.50 22.24 -7.52
C GLY A 91 -10.18 21.53 -7.21
N SER A 92 -10.25 20.49 -6.39
CA SER A 92 -9.06 19.72 -6.03
C SER A 92 -8.82 18.63 -7.06
N HIS A 93 -7.56 18.46 -7.44
CA HIS A 93 -7.19 17.44 -8.42
C HIS A 93 -5.98 16.68 -7.89
N THR A 94 -5.77 15.49 -8.43
CA THR A 94 -4.67 14.63 -7.98
C THR A 94 -3.80 14.06 -9.09
N ILE A 95 -2.50 14.09 -8.89
CA ILE A 95 -1.56 13.45 -9.83
C ILE A 95 -0.90 12.33 -9.03
N GLN A 96 -0.82 11.15 -9.62
CA GLN A 96 -0.19 10.00 -8.97
C GLN A 96 0.85 9.41 -9.91
N VAL A 97 1.94 8.92 -9.33
CA VAL A 97 3.00 8.31 -10.11
C VAL A 97 3.56 7.09 -9.40
N ILE A 98 3.85 6.03 -10.16
CA ILE A 98 4.47 4.85 -9.60
C ILE A 98 5.74 4.71 -10.45
N SER A 99 6.88 4.67 -9.78
CA SER A 99 8.18 4.59 -10.45
C SER A 99 9.03 3.53 -9.79
N GLY A 100 9.76 2.76 -10.58
CA GLY A 100 10.60 1.75 -9.97
C GLY A 100 11.22 0.74 -10.91
N CYS A 101 11.94 -0.20 -10.32
CA CYS A 101 12.62 -1.24 -11.06
C CYS A 101 12.56 -2.56 -10.30
N GLU A 102 12.72 -3.64 -11.04
CA GLU A 102 12.70 -4.99 -10.49
C GLU A 102 13.95 -5.71 -10.96
N VAL A 103 14.60 -6.43 -10.05
CA VAL A 103 15.79 -7.21 -10.42
C VAL A 103 15.60 -8.66 -10.01
N GLY A 104 16.36 -9.55 -10.66
CA GLY A 104 16.27 -10.95 -10.34
C GLY A 104 17.17 -11.29 -9.16
N SER A 105 17.23 -12.57 -8.81
CA SER A 105 18.06 -13.04 -7.69
C SER A 105 19.53 -12.68 -7.89
N ASP A 106 19.94 -12.52 -9.14
CA ASP A 106 21.33 -12.19 -9.46
C ASP A 106 21.59 -10.69 -9.50
N GLY A 107 20.56 -9.90 -9.21
CA GLY A 107 20.71 -8.45 -9.20
C GLY A 107 20.62 -7.76 -10.55
N ARG A 108 20.32 -8.50 -11.61
CA ARG A 108 20.21 -7.88 -12.93
C ARG A 108 18.77 -7.43 -13.19
N LEU A 109 18.65 -6.31 -13.89
CA LEU A 109 17.34 -5.74 -14.22
C LEU A 109 16.40 -6.70 -14.94
N LEU A 110 15.16 -6.76 -14.46
CA LEU A 110 14.13 -7.58 -15.08
C LEU A 110 13.15 -6.65 -15.78
N ARG A 111 12.83 -5.53 -15.14
CA ARG A 111 11.92 -4.57 -15.75
C ARG A 111 11.90 -3.24 -15.01
N GLY A 112 11.56 -2.19 -15.74
CA GLY A 112 11.47 -0.87 -15.17
C GLY A 112 10.10 -0.32 -15.53
N TYR A 113 9.62 0.64 -14.75
CA TYR A 113 8.31 1.23 -15.03
C TYR A 113 8.14 2.63 -14.46
N GLN A 114 7.28 3.39 -15.12
CA GLN A 114 6.98 4.76 -14.72
C GLN A 114 5.58 5.03 -15.27
N GLN A 115 4.59 5.10 -14.38
CA GLN A 115 3.21 5.33 -14.80
C GLN A 115 2.58 6.50 -14.05
N TYR A 116 1.86 7.35 -14.79
CA TYR A 116 1.20 8.53 -14.25
C TYR A 116 -0.31 8.45 -14.37
N ALA A 117 -1.02 9.07 -13.43
CA ALA A 117 -2.47 9.13 -13.44
C ALA A 117 -2.93 10.52 -13.02
N TYR A 118 -4.06 10.95 -13.54
CA TYR A 118 -4.63 12.24 -13.18
C TYR A 118 -6.06 11.97 -12.74
N ASP A 119 -6.39 12.45 -11.54
CA ASP A 119 -7.71 12.24 -10.95
C ASP A 119 -8.14 10.77 -10.96
N GLY A 120 -7.18 9.88 -10.70
CA GLY A 120 -7.47 8.46 -10.62
C GLY A 120 -7.60 7.68 -11.91
N CYS A 121 -7.22 8.27 -13.03
CA CYS A 121 -7.30 7.61 -14.33
C CYS A 121 -5.95 7.66 -15.03
N ASP A 122 -5.65 6.63 -15.81
CA ASP A 122 -4.39 6.56 -16.55
C ASP A 122 -4.16 7.86 -17.32
N TYR A 123 -2.93 8.36 -17.30
CA TYR A 123 -2.60 9.57 -18.02
C TYR A 123 -1.54 9.21 -19.08
N ILE A 124 -0.34 8.88 -18.63
CA ILE A 124 0.74 8.49 -19.55
C ILE A 124 1.62 7.46 -18.84
N ALA A 125 2.20 6.55 -19.62
CA ALA A 125 3.06 5.52 -19.05
C ALA A 125 4.19 5.15 -19.99
N LEU A 126 5.33 4.79 -19.41
CA LEU A 126 6.49 4.37 -20.18
C LEU A 126 6.21 2.93 -20.59
N ASN A 127 6.45 2.59 -21.86
CA ASN A 127 6.22 1.23 -22.30
C ASN A 127 7.35 0.34 -21.80
N GLU A 128 7.13 -0.97 -21.82
CA GLU A 128 8.12 -1.93 -21.35
C GLU A 128 9.48 -1.80 -22.03
N ASP A 129 9.50 -1.31 -23.26
CA ASP A 129 10.74 -1.14 -24.00
C ASP A 129 11.61 -0.02 -23.41
N LEU A 130 11.01 0.76 -22.52
CA LEU A 130 11.70 1.89 -21.89
C LEU A 130 12.15 2.93 -22.92
N LYS A 131 11.49 2.93 -24.08
CA LYS A 131 11.83 3.86 -25.15
C LYS A 131 10.66 4.73 -25.63
N THR A 132 9.45 4.20 -25.55
CA THR A 132 8.27 4.93 -26.01
C THR A 132 7.21 5.08 -24.93
N TRP A 133 6.24 5.95 -25.17
CA TRP A 133 5.15 6.22 -24.22
C TRP A 133 3.78 5.82 -24.73
N THR A 134 2.88 5.59 -23.78
CA THR A 134 1.49 5.25 -24.08
C THR A 134 0.65 6.35 -23.44
N ALA A 135 -0.05 7.13 -24.25
CA ALA A 135 -0.88 8.24 -23.76
C ALA A 135 -2.35 7.80 -23.76
N ALA A 136 -3.05 8.07 -22.66
CA ALA A 136 -4.46 7.67 -22.52
C ALA A 136 -5.50 8.56 -23.18
N ASP A 137 -5.18 9.83 -23.38
CA ASP A 137 -6.10 10.77 -24.02
C ASP A 137 -5.35 11.89 -24.73
N MET A 138 -6.09 12.84 -25.29
CA MET A 138 -5.45 13.93 -26.02
C MET A 138 -4.60 14.88 -25.19
N ALA A 139 -4.92 15.01 -23.90
CA ALA A 139 -4.13 15.87 -23.04
C ALA A 139 -2.76 15.20 -22.86
N ALA A 140 -2.79 13.90 -22.57
CA ALA A 140 -1.55 13.15 -22.39
C ALA A 140 -0.74 13.10 -23.68
N LEU A 141 -1.40 13.26 -24.82
CA LEU A 141 -0.67 13.26 -26.08
C LEU A 141 0.20 14.51 -26.17
N ILE A 142 -0.26 15.61 -25.58
CA ILE A 142 0.52 16.84 -25.57
C ILE A 142 1.80 16.57 -24.77
N THR A 143 1.64 15.92 -23.62
CA THR A 143 2.78 15.59 -22.77
C THR A 143 3.73 14.64 -23.51
N LYS A 144 3.16 13.67 -24.23
CA LYS A 144 3.97 12.72 -24.97
C LYS A 144 4.86 13.45 -25.97
N HIS A 145 4.27 14.38 -26.71
CA HIS A 145 5.04 15.12 -27.71
C HIS A 145 6.14 15.95 -27.05
N LYS A 146 5.84 16.56 -25.91
CA LYS A 146 6.85 17.34 -25.18
C LYS A 146 8.00 16.43 -24.73
N TRP A 147 7.66 15.27 -24.18
CA TRP A 147 8.66 14.35 -23.68
C TRP A 147 9.52 13.74 -24.78
N GLU A 148 8.95 13.55 -25.97
CA GLU A 148 9.72 13.00 -27.07
C GLU A 148 10.72 14.05 -27.56
N GLN A 149 10.30 15.31 -27.60
CA GLN A 149 11.17 16.39 -28.05
C GLN A 149 12.29 16.65 -27.05
N ALA A 150 12.03 16.40 -25.77
CA ALA A 150 13.01 16.64 -24.72
C ALA A 150 13.89 15.43 -24.40
N GLY A 151 13.60 14.29 -25.03
CA GLY A 151 14.37 13.08 -24.77
C GLY A 151 14.17 12.53 -23.38
N GLU A 152 12.97 12.69 -22.84
CA GLU A 152 12.65 12.23 -21.50
C GLU A 152 12.77 10.71 -21.29
N ALA A 153 12.41 9.92 -22.31
CA ALA A 153 12.50 8.46 -22.15
C ALA A 153 13.95 8.01 -21.98
N GLU A 154 14.86 8.61 -22.74
CA GLU A 154 16.27 8.25 -22.64
C GLU A 154 16.80 8.60 -21.25
N ARG A 155 16.42 9.77 -20.74
CA ARG A 155 16.84 10.21 -19.43
C ARG A 155 16.30 9.26 -18.36
N LEU A 156 15.03 8.91 -18.48
CA LEU A 156 14.40 8.01 -17.52
C LEU A 156 15.00 6.62 -17.60
N ARG A 157 15.28 6.14 -18.80
CA ARG A 157 15.84 4.81 -18.97
C ARG A 157 17.20 4.72 -18.25
N ALA A 158 17.98 5.80 -18.34
CA ALA A 158 19.29 5.82 -17.70
C ALA A 158 19.13 5.68 -16.18
N TYR A 159 18.07 6.28 -15.64
CA TYR A 159 17.81 6.20 -14.21
C TYR A 159 17.37 4.78 -13.83
N LEU A 160 16.44 4.23 -14.59
CA LEU A 160 15.92 2.89 -14.30
C LEU A 160 16.97 1.78 -14.40
N GLU A 161 17.81 1.83 -15.44
CA GLU A 161 18.83 0.79 -15.63
C GLU A 161 20.08 1.01 -14.79
N GLY A 162 20.33 2.25 -14.39
CA GLY A 162 21.50 2.56 -13.60
C GLY A 162 21.22 2.80 -12.14
N THR A 163 20.93 4.07 -11.81
CA THR A 163 20.66 4.48 -10.43
C THR A 163 19.68 3.59 -9.67
N CYS A 164 18.52 3.32 -10.26
CA CYS A 164 17.50 2.52 -9.60
C CYS A 164 18.01 1.13 -9.22
N VAL A 165 18.64 0.44 -10.17
CA VAL A 165 19.16 -0.90 -9.93
C VAL A 165 20.29 -0.90 -8.92
N GLU A 166 21.22 0.05 -9.05
CA GLU A 166 22.35 0.09 -8.14
C GLU A 166 21.93 0.36 -6.71
N TRP A 167 20.97 1.27 -6.49
CA TRP A 167 20.54 1.53 -5.14
C TRP A 167 19.71 0.39 -4.58
N LEU A 168 18.89 -0.25 -5.41
CA LEU A 168 18.12 -1.38 -4.93
C LEU A 168 19.09 -2.45 -4.42
N ARG A 169 20.16 -2.71 -5.17
CA ARG A 169 21.15 -3.72 -4.74
C ARG A 169 21.73 -3.34 -3.38
N ARG A 170 22.04 -2.07 -3.20
CA ARG A 170 22.59 -1.58 -1.93
C ARG A 170 21.60 -1.73 -0.79
N TYR A 171 20.34 -1.39 -1.03
CA TYR A 171 19.34 -1.51 0.03
C TYR A 171 19.18 -2.96 0.46
N LEU A 172 19.20 -3.88 -0.51
CA LEU A 172 19.07 -5.31 -0.21
C LEU A 172 20.27 -5.81 0.58
N LYS A 173 21.45 -5.25 0.29
CA LYS A 173 22.66 -5.62 1.00
C LYS A 173 22.62 -5.11 2.44
N ASN A 174 22.33 -3.83 2.60
CA ASN A 174 22.26 -3.24 3.93
C ASN A 174 21.13 -3.78 4.80
N GLY A 175 19.96 -3.99 4.22
CA GLY A 175 18.83 -4.49 5.00
C GLY A 175 18.58 -5.98 4.86
N ASN A 176 19.62 -6.74 4.53
CA ASN A 176 19.48 -8.19 4.33
C ASN A 176 18.77 -8.93 5.46
N ALA A 177 19.07 -8.57 6.72
CA ALA A 177 18.44 -9.25 7.84
C ALA A 177 16.92 -9.08 7.86
N THR A 178 16.44 -7.98 7.29
CA THR A 178 15.02 -7.69 7.24
C THR A 178 14.38 -8.11 5.92
N LEU A 179 15.01 -7.71 4.83
CA LEU A 179 14.47 -7.97 3.50
C LEU A 179 14.57 -9.40 2.96
N LEU A 180 15.60 -10.13 3.36
CA LEU A 180 15.78 -11.50 2.88
C LEU A 180 15.29 -12.56 3.86
N ARG A 181 14.58 -12.12 4.89
CA ARG A 181 14.06 -13.03 5.90
C ARG A 181 12.76 -13.66 5.43
N THR A 182 12.36 -14.71 6.12
CA THR A 182 11.11 -15.39 5.83
C THR A 182 10.42 -15.69 7.15
N ASP A 183 9.25 -15.08 7.37
CA ASP A 183 8.48 -15.32 8.59
C ASP A 183 7.33 -16.23 8.16
N SER A 184 7.27 -17.40 8.75
CA SER A 184 6.23 -18.37 8.40
C SER A 184 4.87 -18.02 8.97
N PRO A 185 3.82 -18.23 8.18
CA PRO A 185 2.47 -17.93 8.66
C PRO A 185 2.00 -18.93 9.71
N LYS A 186 1.20 -18.46 10.65
CA LYS A 186 0.62 -19.29 11.69
C LYS A 186 -0.87 -19.18 11.39
N ALA A 187 -1.55 -20.30 11.26
CA ALA A 187 -2.96 -20.27 10.90
C ALA A 187 -3.92 -20.90 11.90
N HIS A 188 -5.20 -20.56 11.75
CA HIS A 188 -6.26 -21.09 12.58
C HIS A 188 -7.60 -20.81 11.94
N VAL A 189 -8.62 -21.56 12.34
CA VAL A 189 -9.96 -21.40 11.78
C VAL A 189 -10.99 -20.99 12.82
N THR A 190 -11.84 -20.03 12.45
CA THR A 190 -12.90 -19.58 13.35
C THR A 190 -14.23 -20.04 12.76
N HIS A 191 -15.24 -20.16 13.61
CA HIS A 191 -16.56 -20.64 13.21
C HIS A 191 -17.65 -19.66 13.63
N HIS A 192 -18.61 -19.40 12.76
CA HIS A 192 -19.71 -18.48 13.04
C HIS A 192 -21.05 -18.98 12.52
N SER A 193 -22.08 -18.90 13.35
CA SER A 193 -23.41 -19.35 12.96
C SER A 193 -24.08 -18.40 11.98
N ARG A 194 -25.07 -18.92 11.26
CA ARG A 194 -25.82 -18.14 10.28
C ARG A 194 -27.30 -18.38 10.53
N PRO A 195 -28.16 -17.47 10.05
CA PRO A 195 -29.61 -17.63 10.25
C PRO A 195 -30.16 -18.97 9.79
N GLU A 196 -29.77 -19.40 8.59
CA GLU A 196 -30.23 -20.67 8.08
C GLU A 196 -29.20 -21.75 8.36
N ASP A 197 -29.65 -23.00 8.41
CA ASP A 197 -28.79 -24.15 8.68
C ASP A 197 -27.48 -24.18 7.90
N LYS A 198 -26.60 -23.24 8.22
CA LYS A 198 -25.30 -23.13 7.58
C LYS A 198 -24.35 -22.39 8.51
N VAL A 199 -23.05 -22.47 8.23
CA VAL A 199 -22.07 -21.82 9.07
C VAL A 199 -20.96 -21.19 8.23
N THR A 200 -20.32 -20.18 8.80
CA THR A 200 -19.22 -19.52 8.12
C THR A 200 -17.92 -20.02 8.73
N LEU A 201 -17.03 -20.52 7.88
CA LEU A 201 -15.72 -21.00 8.33
C LEU A 201 -14.71 -19.99 7.80
N ARG A 202 -13.92 -19.41 8.71
CA ARG A 202 -12.92 -18.43 8.31
C ARG A 202 -11.51 -18.88 8.65
N CYS A 203 -10.65 -18.92 7.64
CA CYS A 203 -9.27 -19.34 7.81
C CYS A 203 -8.36 -18.12 7.88
N TRP A 204 -7.58 -18.04 8.95
CA TRP A 204 -6.67 -16.93 9.18
C TRP A 204 -5.20 -17.34 9.01
N ALA A 205 -4.42 -16.47 8.39
CA ALA A 205 -2.98 -16.70 8.21
C ALA A 205 -2.37 -15.43 8.82
N LEU A 206 -1.52 -15.61 9.84
CA LEU A 206 -0.92 -14.48 10.55
C LEU A 206 0.61 -14.47 10.61
N GLY A 207 1.14 -13.26 10.86
CA GLY A 207 2.56 -13.03 11.03
C GLY A 207 3.55 -13.46 9.96
N PHE A 208 3.19 -13.34 8.69
CA PHE A 208 4.10 -13.79 7.64
C PHE A 208 4.76 -12.68 6.81
N TYR A 209 5.85 -13.06 6.14
CA TYR A 209 6.61 -12.17 5.28
C TYR A 209 7.47 -13.08 4.40
N PRO A 210 7.57 -12.78 3.09
CA PRO A 210 6.93 -11.67 2.37
C PRO A 210 5.40 -11.76 2.30
N ALA A 211 4.79 -10.77 1.67
CA ALA A 211 3.34 -10.69 1.54
C ALA A 211 2.66 -11.73 0.66
N ASP A 212 3.33 -12.20 -0.39
CA ASP A 212 2.70 -13.18 -1.26
C ASP A 212 2.31 -14.44 -0.52
N ILE A 213 1.05 -14.85 -0.67
CA ILE A 213 0.56 -16.04 0.00
C ILE A 213 -0.67 -16.54 -0.75
N THR A 214 -1.00 -17.81 -0.53
CA THR A 214 -2.18 -18.38 -1.16
C THR A 214 -2.98 -19.13 -0.09
N LEU A 215 -4.25 -18.76 0.03
CA LEU A 215 -5.18 -19.39 0.98
C LEU A 215 -6.33 -19.95 0.17
N THR A 216 -6.64 -21.23 0.37
CA THR A 216 -7.73 -21.83 -0.37
C THR A 216 -8.54 -22.75 0.54
N TRP A 217 -9.80 -22.97 0.16
CA TRP A 217 -10.67 -23.87 0.90
C TRP A 217 -10.97 -25.03 -0.05
N GLN A 218 -10.96 -26.25 0.49
CA GLN A 218 -11.22 -27.43 -0.32
C GLN A 218 -12.34 -28.31 0.20
N LEU A 219 -12.97 -29.03 -0.72
CA LEU A 219 -14.05 -29.95 -0.42
C LEU A 219 -13.88 -31.16 -1.33
N ASN A 220 -13.66 -32.33 -0.74
CA ASN A 220 -13.47 -33.55 -1.52
C ASN A 220 -12.26 -33.41 -2.45
N GLY A 221 -11.37 -32.48 -2.11
CA GLY A 221 -10.19 -32.26 -2.92
C GLY A 221 -10.39 -31.20 -3.99
N GLU A 222 -11.59 -30.63 -4.03
CA GLU A 222 -11.91 -29.59 -5.00
C GLU A 222 -11.80 -28.21 -4.38
N GLU A 223 -11.10 -27.31 -5.07
CA GLU A 223 -10.93 -25.95 -4.57
C GLU A 223 -12.23 -25.17 -4.74
N LEU A 224 -12.52 -24.31 -3.77
CA LEU A 224 -13.75 -23.52 -3.79
C LEU A 224 -13.48 -22.02 -3.98
N ILE A 225 -12.58 -21.69 -4.90
CA ILE A 225 -12.24 -20.29 -5.16
C ILE A 225 -13.47 -19.49 -5.63
N GLN A 226 -14.41 -20.18 -6.23
CA GLN A 226 -15.62 -19.54 -6.74
C GLN A 226 -16.60 -19.11 -5.63
N ASP A 227 -16.69 -19.91 -4.58
CA ASP A 227 -17.61 -19.61 -3.48
C ASP A 227 -16.89 -19.03 -2.27
N MET A 228 -15.63 -18.64 -2.46
CA MET A 228 -14.82 -18.12 -1.37
C MET A 228 -14.88 -16.60 -1.24
N GLU A 229 -14.82 -16.13 0.01
CA GLU A 229 -14.83 -14.70 0.30
C GLU A 229 -13.51 -14.41 1.02
N LEU A 230 -12.90 -13.28 0.74
CA LEU A 230 -11.63 -12.96 1.38
C LEU A 230 -11.29 -11.48 1.36
N VAL A 231 -10.18 -11.15 1.99
CA VAL A 231 -9.69 -9.77 2.03
C VAL A 231 -8.30 -9.78 1.39
N GLU A 232 -7.92 -8.63 0.83
CA GLU A 232 -6.61 -8.51 0.22
C GLU A 232 -5.58 -8.64 1.34
N THR A 233 -4.42 -9.21 1.03
CA THR A 233 -3.37 -9.36 2.03
C THR A 233 -3.06 -7.97 2.60
N ARG A 234 -2.93 -7.88 3.92
CA ARG A 234 -2.75 -6.60 4.57
C ARG A 234 -1.64 -6.53 5.61
N PRO A 235 -1.03 -5.34 5.77
CA PRO A 235 0.05 -5.12 6.75
C PRO A 235 -0.51 -5.14 8.17
N ALA A 236 0.26 -5.67 9.12
CA ALA A 236 -0.18 -5.77 10.51
C ALA A 236 0.51 -4.86 11.51
N GLY A 237 1.21 -3.85 11.02
CA GLY A 237 1.84 -2.88 11.90
C GLY A 237 3.27 -3.10 12.38
N ASP A 238 3.85 -4.26 12.09
CA ASP A 238 5.19 -4.56 12.54
C ASP A 238 6.07 -5.11 11.43
N GLY A 239 5.65 -4.91 10.18
CA GLY A 239 6.43 -5.40 9.07
C GLY A 239 6.01 -6.76 8.55
N THR A 240 4.98 -7.34 9.16
CA THR A 240 4.47 -8.64 8.72
C THR A 240 3.07 -8.43 8.14
N PHE A 241 2.51 -9.48 7.55
CA PHE A 241 1.20 -9.39 6.92
C PHE A 241 0.24 -10.45 7.42
N GLN A 242 -1.04 -10.28 7.07
CA GLN A 242 -2.06 -11.24 7.44
C GLN A 242 -3.15 -11.29 6.35
N LYS A 243 -3.96 -12.33 6.39
CA LYS A 243 -5.02 -12.51 5.41
C LYS A 243 -6.02 -13.53 5.94
N TRP A 244 -7.25 -13.48 5.44
CA TRP A 244 -8.25 -14.48 5.81
C TRP A 244 -9.11 -14.79 4.60
N ALA A 245 -9.69 -15.99 4.59
CA ALA A 245 -10.56 -16.45 3.51
C ALA A 245 -11.65 -17.26 4.16
N SER A 246 -12.89 -17.09 3.72
CA SER A 246 -14.01 -17.81 4.31
C SER A 246 -14.92 -18.50 3.29
N VAL A 247 -15.71 -19.44 3.78
CA VAL A 247 -16.67 -20.17 2.96
C VAL A 247 -17.88 -20.50 3.83
N VAL A 248 -19.05 -20.57 3.22
CA VAL A 248 -20.27 -20.88 3.95
C VAL A 248 -20.59 -22.35 3.67
N VAL A 249 -20.76 -23.13 4.73
CA VAL A 249 -21.03 -24.55 4.58
C VAL A 249 -22.23 -25.01 5.40
N PRO A 250 -22.81 -26.17 5.05
CA PRO A 250 -23.96 -26.71 5.76
C PRO A 250 -23.60 -27.11 7.19
N LEU A 251 -24.49 -26.83 8.13
CA LEU A 251 -24.26 -27.18 9.53
C LEU A 251 -24.11 -28.69 9.66
N GLY A 252 -23.09 -29.12 10.40
CA GLY A 252 -22.87 -30.54 10.59
C GLY A 252 -21.92 -31.17 9.59
N LYS A 253 -21.50 -30.39 8.59
CA LYS A 253 -20.60 -30.91 7.56
C LYS A 253 -19.31 -30.08 7.46
N GLU A 254 -18.94 -29.43 8.56
CA GLU A 254 -17.73 -28.61 8.59
C GLU A 254 -16.45 -29.43 8.51
N GLN A 255 -16.52 -30.69 8.93
CA GLN A 255 -15.35 -31.56 8.93
C GLN A 255 -14.90 -31.97 7.54
N TYR A 256 -15.72 -31.72 6.53
CA TYR A 256 -15.38 -32.09 5.16
C TYR A 256 -14.62 -30.98 4.42
N TYR A 257 -14.48 -29.83 5.06
CA TYR A 257 -13.78 -28.70 4.44
C TYR A 257 -12.41 -28.47 5.08
N THR A 258 -11.42 -28.19 4.24
CA THR A 258 -10.07 -27.95 4.71
C THR A 258 -9.47 -26.68 4.13
N CYS A 259 -8.69 -25.98 4.96
CA CYS A 259 -8.03 -24.76 4.52
C CYS A 259 -6.60 -25.10 4.19
N HIS A 260 -6.12 -24.59 3.05
CA HIS A 260 -4.75 -24.84 2.62
C HIS A 260 -4.00 -23.52 2.53
N VAL A 261 -2.80 -23.49 3.12
CA VAL A 261 -1.99 -22.28 3.13
C VAL A 261 -0.63 -22.54 2.48
N TYR A 262 -0.33 -21.77 1.43
CA TYR A 262 0.95 -21.91 0.71
C TYR A 262 1.77 -20.63 0.89
N HIS A 263 3.04 -20.78 1.26
CA HIS A 263 3.90 -19.62 1.48
C HIS A 263 5.38 -20.00 1.43
N GLN A 264 6.21 -19.02 1.13
CA GLN A 264 7.66 -19.19 1.07
C GLN A 264 8.23 -19.80 2.34
N GLY A 265 7.57 -19.53 3.48
CA GLY A 265 8.04 -20.06 4.75
C GLY A 265 7.41 -21.37 5.18
N LEU A 266 6.71 -22.03 4.27
CA LEU A 266 6.08 -23.31 4.57
C LEU A 266 6.61 -24.36 3.62
N PRO A 267 7.63 -25.12 4.05
CA PRO A 267 8.22 -26.17 3.20
C PRO A 267 7.12 -27.05 2.64
N GLU A 268 6.11 -27.32 3.46
CA GLU A 268 4.96 -28.09 3.05
C GLU A 268 3.75 -27.27 3.46
N PRO A 269 2.81 -27.06 2.52
CA PRO A 269 1.60 -26.27 2.80
C PRO A 269 0.85 -26.75 4.04
N LEU A 270 0.20 -25.81 4.72
CA LEU A 270 -0.57 -26.14 5.91
C LEU A 270 -1.97 -26.58 5.51
N THR A 271 -2.52 -27.52 6.26
CA THR A 271 -3.87 -28.02 6.01
C THR A 271 -4.59 -27.94 7.35
N LEU A 272 -5.68 -27.16 7.41
CA LEU A 272 -6.43 -27.00 8.65
C LEU A 272 -7.90 -27.37 8.50
N ARG A 273 -8.49 -27.75 9.62
CA ARG A 273 -9.90 -28.13 9.68
C ARG A 273 -10.50 -27.57 10.97
N TRP A 274 -11.81 -27.35 10.98
CA TRP A 274 -12.47 -26.82 12.16
C TRP A 274 -12.60 -27.93 13.20
N ILE B 1 -14.09 10.03 -10.17
CA ILE B 1 -13.61 8.67 -9.79
C ILE B 1 -13.75 8.47 -8.29
N GLN B 2 -14.96 8.69 -7.78
CA GLN B 2 -15.22 8.53 -6.36
C GLN B 2 -15.38 7.07 -5.97
N LYS B 3 -14.52 6.62 -5.06
CA LYS B 3 -14.55 5.25 -4.59
C LYS B 3 -14.63 5.29 -3.06
N THR B 4 -15.63 4.60 -2.51
CA THR B 4 -15.83 4.55 -1.07
C THR B 4 -14.82 3.61 -0.40
N PRO B 5 -14.18 4.08 0.67
CA PRO B 5 -13.19 3.26 1.37
C PRO B 5 -13.70 1.99 2.05
N GLN B 6 -12.87 0.96 2.02
CA GLN B 6 -13.16 -0.29 2.69
C GLN B 6 -12.36 -0.14 3.97
N ILE B 7 -13.00 -0.39 5.10
CA ILE B 7 -12.35 -0.22 6.41
C ILE B 7 -12.25 -1.54 7.15
N GLN B 8 -11.01 -1.95 7.46
CA GLN B 8 -10.76 -3.22 8.15
C GLN B 8 -9.99 -3.01 9.45
N VAL B 9 -10.51 -3.59 10.54
CA VAL B 9 -9.89 -3.46 11.86
C VAL B 9 -9.49 -4.83 12.39
N TYR B 10 -8.23 -4.94 12.80
CA TYR B 10 -7.69 -6.22 13.26
C TYR B 10 -6.44 -6.07 14.11
N SER B 11 -6.16 -7.06 14.95
CA SER B 11 -4.96 -7.04 15.77
C SER B 11 -3.87 -7.90 15.15
N ARG B 12 -2.63 -7.62 15.52
CA ARG B 12 -1.48 -8.38 15.01
C ARG B 12 -1.48 -9.83 15.52
N HIS B 13 -1.78 -10.00 16.80
CA HIS B 13 -1.82 -11.33 17.42
C HIS B 13 -3.22 -11.63 17.91
N PRO B 14 -3.58 -12.92 18.00
CA PRO B 14 -4.92 -13.24 18.50
C PRO B 14 -5.02 -12.55 19.86
N PRO B 15 -6.13 -11.88 20.13
CA PRO B 15 -6.30 -11.17 21.41
C PRO B 15 -6.20 -12.01 22.68
N GLU B 16 -5.41 -11.50 23.62
CA GLU B 16 -5.20 -12.14 24.91
C GLU B 16 -5.11 -11.03 25.97
N ASN B 17 -6.09 -10.97 26.86
CA ASN B 17 -6.13 -9.94 27.89
C ASN B 17 -4.84 -9.85 28.71
N GLY B 18 -4.31 -8.64 28.81
CA GLY B 18 -3.10 -8.42 29.59
C GLY B 18 -1.79 -8.50 28.83
N LYS B 19 -1.84 -8.96 27.58
CA LYS B 19 -0.62 -9.08 26.79
C LYS B 19 -0.55 -8.07 25.64
N PRO B 20 0.59 -7.37 25.52
CA PRO B 20 0.83 -6.37 24.48
C PRO B 20 0.47 -6.88 23.09
N ASN B 21 -0.08 -5.99 22.26
CA ASN B 21 -0.50 -6.34 20.92
C ASN B 21 -0.43 -5.06 20.06
N ILE B 22 -0.91 -5.15 18.83
CA ILE B 22 -0.96 -4.01 17.93
C ILE B 22 -2.34 -4.00 17.29
N LEU B 23 -3.00 -2.84 17.29
CA LEU B 23 -4.31 -2.72 16.67
C LEU B 23 -4.14 -1.97 15.36
N ASN B 24 -4.79 -2.49 14.31
CA ASN B 24 -4.68 -1.94 12.96
C ASN B 24 -6.01 -1.51 12.36
N CYS B 25 -5.97 -0.44 11.58
CA CYS B 25 -7.13 0.04 10.84
C CYS B 25 -6.60 0.28 9.43
N TYR B 26 -6.91 -0.62 8.51
CA TYR B 26 -6.46 -0.51 7.12
C TYR B 26 -7.61 0.06 6.31
N VAL B 27 -7.39 1.23 5.71
CA VAL B 27 -8.41 1.90 4.91
C VAL B 27 -7.98 1.81 3.46
N THR B 28 -8.79 1.15 2.64
CA THR B 28 -8.40 0.92 1.26
C THR B 28 -9.43 1.19 0.18
N GLN B 29 -8.93 1.14 -1.07
CA GLN B 29 -9.76 1.31 -2.26
C GLN B 29 -10.53 2.62 -2.34
N PHE B 30 -9.93 3.72 -1.89
CA PHE B 30 -10.63 4.99 -1.95
C PHE B 30 -10.02 6.05 -2.86
N HIS B 31 -10.84 7.03 -3.22
CA HIS B 31 -10.45 8.14 -4.09
C HIS B 31 -11.64 9.11 -4.01
N PRO B 32 -11.38 10.42 -3.86
CA PRO B 32 -10.10 11.15 -3.74
C PRO B 32 -9.28 10.78 -2.51
N PRO B 33 -8.03 11.22 -2.45
CA PRO B 33 -7.14 10.92 -1.32
C PRO B 33 -7.43 11.60 0.01
N HIS B 34 -8.11 12.75 0.00
CA HIS B 34 -8.40 13.43 1.26
C HIS B 34 -9.26 12.53 2.14
N ILE B 35 -8.81 12.30 3.37
CA ILE B 35 -9.54 11.41 4.26
C ILE B 35 -9.12 11.64 5.71
N GLU B 36 -10.02 11.37 6.64
CA GLU B 36 -9.74 11.52 8.06
C GLU B 36 -9.89 10.16 8.72
N ILE B 37 -8.86 9.72 9.42
CA ILE B 37 -8.87 8.42 10.07
C ILE B 37 -8.52 8.55 11.56
N GLN B 38 -9.40 8.03 12.41
CA GLN B 38 -9.17 8.09 13.86
C GLN B 38 -9.39 6.73 14.51
N MET B 39 -8.52 6.37 15.44
CA MET B 39 -8.67 5.12 16.17
C MET B 39 -9.23 5.52 17.54
N LEU B 40 -10.20 4.75 18.02
CA LEU B 40 -10.86 5.06 19.28
C LEU B 40 -10.84 3.93 20.31
N LYS B 41 -10.62 4.29 21.57
CA LYS B 41 -10.64 3.34 22.68
C LYS B 41 -11.77 3.80 23.58
N ASN B 42 -12.77 2.94 23.76
CA ASN B 42 -13.93 3.27 24.58
C ASN B 42 -14.52 4.62 24.15
N GLY B 43 -14.54 4.86 22.85
CA GLY B 43 -15.10 6.10 22.32
C GLY B 43 -14.26 7.35 22.41
N LYS B 44 -13.02 7.21 22.89
CA LYS B 44 -12.13 8.36 23.00
C LYS B 44 -10.96 8.20 22.04
N LYS B 45 -10.59 9.28 21.37
CA LYS B 45 -9.50 9.23 20.40
C LYS B 45 -8.20 8.75 21.05
N ILE B 46 -7.49 7.85 20.37
CA ILE B 46 -6.22 7.34 20.86
C ILE B 46 -5.16 8.32 20.35
N PRO B 47 -4.36 8.89 21.28
CA PRO B 47 -3.29 9.86 21.00
C PRO B 47 -2.17 9.50 20.02
N LYS B 48 -1.35 8.51 20.36
CA LYS B 48 -0.24 8.18 19.49
C LYS B 48 -0.55 7.10 18.45
N VAL B 49 -1.15 7.50 17.34
CA VAL B 49 -1.46 6.56 16.27
C VAL B 49 -0.50 6.81 15.12
N GLU B 50 0.09 5.73 14.61
CA GLU B 50 1.03 5.82 13.50
C GLU B 50 0.35 5.57 12.16
N MET B 51 0.68 6.38 11.16
CA MET B 51 0.14 6.19 9.82
C MET B 51 1.28 5.63 8.98
N SER B 52 1.01 4.54 8.26
CA SER B 52 2.05 3.92 7.44
C SER B 52 1.48 3.14 6.26
N ASP B 53 2.37 2.52 5.50
CA ASP B 53 1.98 1.72 4.35
C ASP B 53 1.02 2.37 3.35
N MET B 54 1.29 3.62 3.01
CA MET B 54 0.44 4.30 2.03
C MET B 54 0.87 3.81 0.65
N SER B 55 -0.10 3.45 -0.19
CA SER B 55 0.20 2.97 -1.53
C SER B 55 -1.04 3.09 -2.41
N PHE B 56 -0.94 2.74 -3.69
CA PHE B 56 -2.09 2.73 -4.59
C PHE B 56 -2.13 1.40 -5.30
N SER B 57 -3.32 0.99 -5.72
CA SER B 57 -3.48 -0.27 -6.44
C SER B 57 -3.36 0.03 -7.93
N LYS B 58 -3.52 -1.00 -8.75
CA LYS B 58 -3.41 -0.83 -10.20
C LYS B 58 -4.48 0.11 -10.77
N ASP B 59 -5.61 0.23 -10.08
CA ASP B 59 -6.67 1.10 -10.56
C ASP B 59 -6.57 2.50 -9.93
N TRP B 60 -5.42 2.75 -9.32
CA TRP B 60 -5.07 4.02 -8.67
C TRP B 60 -5.75 4.36 -7.36
N SER B 61 -6.56 3.45 -6.82
CA SER B 61 -7.21 3.75 -5.55
C SER B 61 -6.18 3.73 -4.41
N PHE B 62 -6.42 4.54 -3.39
CA PHE B 62 -5.51 4.65 -2.25
C PHE B 62 -5.67 3.63 -1.13
N TYR B 63 -4.55 3.31 -0.48
CA TYR B 63 -4.50 2.38 0.64
C TYR B 63 -3.61 3.00 1.72
N ILE B 64 -4.02 2.87 2.98
CA ILE B 64 -3.19 3.39 4.07
C ILE B 64 -3.53 2.70 5.39
N LEU B 65 -2.51 2.51 6.22
CA LEU B 65 -2.66 1.85 7.51
C LEU B 65 -2.50 2.77 8.71
N ALA B 66 -3.37 2.60 9.69
CA ALA B 66 -3.30 3.34 10.94
C ALA B 66 -3.07 2.24 11.97
N HIS B 67 -2.12 2.42 12.87
CA HIS B 67 -1.88 1.38 13.87
C HIS B 67 -1.32 1.93 15.17
N THR B 68 -1.54 1.19 16.25
CA THR B 68 -1.08 1.61 17.57
C THR B 68 -0.89 0.40 18.47
N GLU B 69 0.05 0.51 19.40
CA GLU B 69 0.30 -0.58 20.33
C GLU B 69 -0.80 -0.53 21.38
N PHE B 70 -1.20 -1.69 21.88
CA PHE B 70 -2.25 -1.74 22.90
C PHE B 70 -2.29 -3.08 23.60
N THR B 71 -2.81 -3.09 24.81
CA THR B 71 -2.94 -4.31 25.58
C THR B 71 -4.43 -4.51 25.83
N PRO B 72 -5.05 -5.46 25.12
CA PRO B 72 -6.48 -5.73 25.27
C PRO B 72 -6.92 -6.08 26.69
N THR B 73 -8.14 -5.66 27.01
CA THR B 73 -8.74 -5.92 28.31
C THR B 73 -10.11 -6.51 28.02
N GLU B 74 -10.68 -7.17 29.02
CA GLU B 74 -11.99 -7.77 28.85
C GLU B 74 -13.07 -6.71 28.61
N THR B 75 -12.92 -5.55 29.24
CA THR B 75 -13.92 -4.48 29.11
C THR B 75 -13.70 -3.43 28.03
N ASP B 76 -12.46 -3.21 27.61
CA ASP B 76 -12.18 -2.19 26.61
C ASP B 76 -12.71 -2.47 25.20
N THR B 77 -13.23 -1.42 24.57
CA THR B 77 -13.77 -1.51 23.21
C THR B 77 -12.91 -0.64 22.30
N TYR B 78 -12.67 -1.10 21.07
CA TYR B 78 -11.88 -0.34 20.12
C TYR B 78 -12.58 -0.21 18.76
N ALA B 79 -12.33 0.90 18.09
CA ALA B 79 -12.94 1.13 16.78
C ALA B 79 -12.11 2.08 15.94
N CYS B 80 -12.49 2.20 14.66
CA CYS B 80 -11.83 3.09 13.73
C CYS B 80 -12.92 3.93 13.07
N ARG B 81 -12.75 5.24 13.09
CA ARG B 81 -13.74 6.14 12.50
C ARG B 81 -13.14 6.84 11.30
N VAL B 82 -13.84 6.79 10.18
CA VAL B 82 -13.35 7.39 8.94
C VAL B 82 -14.31 8.38 8.31
N LYS B 83 -13.77 9.51 7.85
CA LYS B 83 -14.56 10.54 7.18
C LYS B 83 -14.00 10.70 5.77
N HIS B 84 -14.87 10.57 4.76
CA HIS B 84 -14.47 10.70 3.36
C HIS B 84 -15.65 11.25 2.56
N ASP B 85 -15.37 12.02 1.51
CA ASP B 85 -16.41 12.62 0.69
C ASP B 85 -17.43 11.66 0.09
N SER B 86 -17.06 10.40 -0.06
CA SER B 86 -17.96 9.41 -0.64
C SER B 86 -19.08 9.02 0.32
N MET B 87 -18.95 9.43 1.58
CA MET B 87 -19.95 9.11 2.59
C MET B 87 -20.52 10.38 3.23
N ALA B 88 -21.83 10.37 3.49
CA ALA B 88 -22.50 11.52 4.09
C ALA B 88 -22.06 11.76 5.54
N GLU B 89 -22.04 10.68 6.32
CA GLU B 89 -21.64 10.76 7.72
C GLU B 89 -20.41 9.90 7.95
N PRO B 90 -19.65 10.17 9.03
CA PRO B 90 -18.46 9.35 9.28
C PRO B 90 -18.86 7.91 9.56
N LYS B 91 -18.00 6.97 9.16
CA LYS B 91 -18.27 5.56 9.36
C LYS B 91 -17.35 4.99 10.44
N THR B 92 -17.94 4.29 11.40
CA THR B 92 -17.18 3.69 12.49
C THR B 92 -17.23 2.18 12.39
N VAL B 93 -16.06 1.55 12.36
CA VAL B 93 -15.95 0.09 12.28
C VAL B 93 -15.32 -0.39 13.57
N TYR B 94 -16.01 -1.30 14.26
CA TYR B 94 -15.53 -1.83 15.53
C TYR B 94 -14.66 -3.07 15.39
N TRP B 95 -13.71 -3.19 16.32
CA TRP B 95 -12.83 -4.34 16.36
C TRP B 95 -13.66 -5.50 16.90
N ASP B 96 -13.69 -6.60 16.14
CA ASP B 96 -14.43 -7.79 16.52
C ASP B 96 -13.42 -8.86 16.92
N ARG B 97 -13.20 -8.98 18.23
CA ARG B 97 -12.24 -9.93 18.78
C ARG B 97 -12.48 -11.40 18.45
N ASP B 98 -13.71 -11.75 18.04
CA ASP B 98 -14.02 -13.15 17.75
C ASP B 98 -14.13 -13.49 16.26
N MET B 99 -13.87 -12.51 15.40
CA MET B 99 -13.96 -12.74 13.96
C MET B 99 -13.05 -13.87 13.48
N SER C 1 17.08 5.28 -4.25
CA SER C 1 17.28 6.73 -4.52
C SER C 1 16.30 7.21 -5.58
N ARG C 2 15.71 8.38 -5.33
CA ARG C 2 14.72 8.97 -6.23
C ARG C 2 15.28 9.60 -7.50
N ASP C 3 14.43 9.66 -8.52
CA ASP C 3 14.78 10.27 -9.79
C ASP C 3 14.62 11.78 -9.60
N HIS C 4 15.14 12.58 -10.55
CA HIS C 4 15.03 14.03 -10.46
C HIS C 4 15.29 14.70 -11.81
N SER C 5 14.98 15.99 -11.89
CA SER C 5 15.17 16.76 -13.12
C SER C 5 14.36 16.18 -14.27
N ARG C 6 13.11 15.82 -13.96
CA ARG C 6 12.20 15.24 -14.95
C ARG C 6 11.63 16.32 -15.87
N THR C 7 11.19 15.92 -17.05
CA THR C 7 10.60 16.86 -18.00
C THR C 7 9.17 17.16 -17.55
N PRO C 8 8.78 18.44 -17.51
CA PRO C 8 7.42 18.77 -17.07
C PRO C 8 6.35 18.23 -18.01
N MET C 9 5.13 18.09 -17.50
CA MET C 9 4.01 17.59 -18.29
C MET C 9 3.51 18.63 -19.30
#